data_5CK0
#
_entry.id   5CK0
#
_cell.length_a   156.216
_cell.length_b   156.216
_cell.length_c   114.704
_cell.angle_alpha   90.000
_cell.angle_beta   90.000
_cell.angle_gamma   120.000
#
_symmetry.space_group_name_H-M   'P 6 2 2'
#
loop_
_entity.id
_entity.type
_entity.pdbx_description
1 polymer 'SusD homolog'
2 non-polymer 'POTASSIUM ION'
3 non-polymer 'NICKEL (II) ION'
4 water water
#
_entity_poly.entity_id   1
_entity_poly.type   'polypeptide(L)'
_entity_poly.pdbx_seq_one_letter_code
;MGSSHHHHHHSSENLYFQGHMASAMSSPTRALGFLYSCYGGVSTDLPSAYLGEINSTTDEYVLPYSWNTDGYWGAYAFNT
ASSTNQDWLWGTTYQYIGQCYLFLQKLENAGSDIASDAEKEQWRAECQFLVAYYHFATLRRYGPIPITDSYIPMDTPTSE
YNGRFHFDYCVDWIANQLDEAAKVLPANRTATNEWGRATSTIAKAVKARLLLYAASPLWNGSFPYPNWQNENFETPGYGK
ALVSNTYDKSKWERALAACQEALTLATTSGDRELYDDDEYYSRQSLNLPFVPGVADVEDNKEFLKNVMKMRYAVSTRESE
GNKEIIWGLSNQFDFYSRYPLRILKKSDGTWHAGYSGVSPTLYTFEHFYTANGKLPEKDLDFTPSSEWFESAGISSREDI
IKLNVGREPRFYAWMAFDGGDYGTKFAAGSPLKLEMRNSEMHGYNPSLFNRDHSVTGFLTQKFVDPVTEFYTAGGSTSGT
SAPTILFRLAELYLNVAECHAALGNTQEAIDALNPVRERAGIPKLTLADITNNMTIKDWVHNERFVELWNEGHRFFDVRR
WAEGAKYFGANKREGLNAEVQSPTFEEFNKRTTVDAPYVWENRMYLNPVFYNEVYKNPQMVQAPGY
;
_entity_poly.pdbx_strand_id   A
#
loop_
_chem_comp.id
_chem_comp.type
_chem_comp.name
_chem_comp.formula
K non-polymer 'POTASSIUM ION' 'K 1'
NI non-polymer 'NICKEL (II) ION' 'Ni 2'
#
# COMPACT_ATOMS: atom_id res chain seq x y z
N ALA A 24 3.50 26.95 -22.92
CA ALA A 24 4.35 25.91 -23.44
C ALA A 24 3.78 25.34 -24.73
N MET A 25 3.22 26.21 -25.56
CA MET A 25 3.00 26.02 -27.00
C MET A 25 2.12 27.16 -27.49
N SER A 26 1.07 26.93 -28.28
CA SER A 26 0.49 28.00 -29.08
C SER A 26 -0.73 28.69 -28.48
N SER A 27 -1.18 28.23 -27.33
CA SER A 27 -2.33 28.84 -26.66
C SER A 27 -2.36 28.40 -25.19
N PRO A 28 -3.05 29.16 -24.32
CA PRO A 28 -3.22 28.74 -22.93
C PRO A 28 -3.81 27.35 -22.79
N THR A 29 -4.83 27.05 -23.58
CA THR A 29 -5.49 25.75 -23.53
C THR A 29 -4.52 24.64 -23.92
N ARG A 30 -3.78 24.86 -25.00
CA ARG A 30 -2.76 23.92 -25.44
C ARG A 30 -1.72 23.63 -24.34
N ALA A 31 -1.19 24.68 -23.75
CA ALA A 31 -0.16 24.55 -22.72
C ALA A 31 -0.70 23.77 -21.52
N LEU A 32 -1.93 24.08 -21.11
CA LEU A 32 -2.56 23.38 -19.99
C LEU A 32 -2.70 21.90 -20.30
N GLY A 33 -3.05 21.58 -21.54
CA GLY A 33 -3.16 20.20 -21.97
C GLY A 33 -1.82 19.50 -21.93
N PHE A 34 -0.77 20.22 -22.31
CA PHE A 34 0.57 19.68 -22.23
C PHE A 34 0.94 19.45 -20.76
N LEU A 35 0.61 20.39 -19.88
CA LEU A 35 0.91 20.21 -18.45
C LEU A 35 0.17 18.98 -17.91
N TYR A 36 -1.11 18.87 -18.26
CA TYR A 36 -1.93 17.71 -17.90
C TYR A 36 -1.28 16.39 -18.29
N SER A 37 -0.67 16.34 -19.47
CA SER A 37 -0.05 15.11 -19.91
C SER A 37 1.18 14.75 -19.05
N CYS A 38 1.82 15.74 -18.45
CA CYS A 38 2.99 15.45 -17.61
C CYS A 38 2.64 14.62 -16.37
N TYR A 39 1.42 14.75 -15.88
CA TYR A 39 0.93 13.93 -14.77
C TYR A 39 0.62 12.49 -15.15
N GLY A 40 0.82 12.13 -16.40
CA GLY A 40 0.37 10.84 -16.89
C GLY A 40 1.00 9.60 -16.28
N GLY A 41 2.13 9.76 -15.60
CA GLY A 41 2.83 8.62 -15.04
C GLY A 41 2.58 8.32 -13.57
N VAL A 42 1.76 9.14 -12.91
CA VAL A 42 1.64 9.04 -11.46
C VAL A 42 0.90 7.78 -11.00
N SER A 43 0.27 7.03 -11.91
CA SER A 43 -0.41 5.78 -11.53
C SER A 43 0.54 4.56 -11.55
N THR A 44 1.82 4.79 -11.81
CA THR A 44 2.81 3.72 -11.81
C THR A 44 2.86 3.00 -10.47
N ASP A 45 2.96 1.66 -10.50
CA ASP A 45 2.93 0.85 -9.29
C ASP A 45 1.71 1.24 -8.48
N LEU A 46 0.53 1.17 -9.09
CA LEU A 46 -0.70 1.55 -8.43
C LEU A 46 -0.96 0.66 -7.22
N PRO A 47 -1.19 1.28 -6.05
CA PRO A 47 -1.56 0.55 -4.83
C PRO A 47 -2.82 -0.29 -4.99
N SER A 48 -2.77 -1.51 -4.47
CA SER A 48 -3.92 -2.42 -4.33
C SER A 48 -4.38 -3.11 -5.64
N ALA A 49 -3.79 -2.78 -6.78
CA ALA A 49 -4.11 -3.50 -8.02
C ALA A 49 -3.57 -4.92 -7.93
N TYR A 50 -4.46 -5.91 -8.03
CA TYR A 50 -4.11 -7.28 -7.65
C TYR A 50 -3.08 -7.96 -8.54
N LEU A 51 -2.91 -7.50 -9.77
CA LEU A 51 -1.87 -8.11 -10.61
C LEU A 51 -0.50 -7.44 -10.41
N GLY A 52 -0.47 -6.31 -9.70
CA GLY A 52 0.77 -5.60 -9.48
C GLY A 52 1.67 -6.30 -8.47
N GLU A 53 2.97 -6.38 -8.76
CA GLU A 53 3.89 -7.05 -7.85
C GLU A 53 4.06 -6.33 -6.49
N ILE A 54 3.86 -5.03 -6.42
CA ILE A 54 4.03 -4.38 -5.11
C ILE A 54 2.88 -4.75 -4.18
N ASN A 55 1.84 -5.35 -4.74
CA ASN A 55 0.66 -5.74 -3.96
C ASN A 55 0.56 -7.22 -3.66
N SER A 56 0.79 -8.06 -4.66
CA SER A 56 0.50 -9.48 -4.57
C SER A 56 1.71 -10.39 -4.36
N THR A 57 2.76 -9.89 -3.74
CA THR A 57 3.95 -10.72 -3.49
C THR A 57 4.41 -10.66 -2.05
N THR A 58 3.60 -10.09 -1.17
CA THR A 58 4.01 -9.86 0.21
C THR A 58 3.41 -10.94 1.09
N ASP A 59 3.64 -10.86 2.40
CA ASP A 59 3.05 -11.81 3.33
C ASP A 59 1.67 -11.39 3.82
N GLU A 60 1.11 -10.32 3.24
CA GLU A 60 -0.25 -9.90 3.59
C GLU A 60 -1.26 -10.92 3.10
N TYR A 61 -1.11 -11.31 1.84
CA TYR A 61 -2.03 -12.21 1.18
C TYR A 61 -1.34 -12.88 0.01
N VAL A 62 -1.91 -13.97 -0.47
CA VAL A 62 -1.41 -14.64 -1.65
C VAL A 62 -2.51 -14.78 -2.68
N LEU A 63 -2.11 -14.97 -3.93
CA LEU A 63 -3.04 -15.32 -4.99
C LEU A 63 -2.87 -16.80 -5.34
N PRO A 64 -3.88 -17.40 -5.97
CA PRO A 64 -3.74 -18.77 -6.48
C PRO A 64 -2.51 -18.88 -7.40
N TYR A 65 -1.73 -19.95 -7.21
CA TYR A 65 -0.52 -20.15 -7.99
C TYR A 65 -0.82 -20.19 -9.50
N SER A 66 -1.96 -20.77 -9.86
CA SER A 66 -2.38 -20.81 -11.27
C SER A 66 -2.60 -19.42 -11.90
N TRP A 67 -2.70 -18.39 -11.07
CA TRP A 67 -2.84 -17.01 -11.55
C TRP A 67 -1.48 -16.43 -11.94
N ASN A 68 -0.42 -17.22 -11.85
CA ASN A 68 0.90 -16.68 -12.13
C ASN A 68 1.11 -16.41 -13.63
N THR A 69 0.21 -16.87 -14.47
CA THR A 69 0.27 -16.57 -15.89
C THR A 69 -0.14 -15.12 -16.20
N ASP A 70 -0.77 -14.46 -15.23
CA ASP A 70 -1.29 -13.11 -15.45
C ASP A 70 -0.49 -12.05 -14.71
N GLY A 71 -0.05 -11.04 -15.44
CA GLY A 71 0.69 -9.94 -14.85
C GLY A 71 2.09 -10.33 -14.42
N TYR A 72 2.71 -9.48 -13.60
CA TYR A 72 4.10 -9.67 -13.21
C TYR A 72 4.28 -10.26 -11.82
N TRP A 73 3.21 -10.36 -11.05
CA TRP A 73 3.33 -10.73 -9.63
C TRP A 73 4.05 -12.06 -9.45
N GLY A 74 3.76 -13.01 -10.32
CA GLY A 74 4.38 -14.33 -10.23
C GLY A 74 5.89 -14.28 -10.28
N ALA A 75 6.40 -13.58 -11.29
CA ALA A 75 7.84 -13.48 -11.50
C ALA A 75 8.55 -12.91 -10.28
N TYR A 76 7.96 -11.90 -9.65
CA TYR A 76 8.60 -11.26 -8.51
C TYR A 76 8.47 -12.10 -7.24
N ALA A 77 7.34 -12.79 -7.08
CA ALA A 77 7.09 -13.63 -5.90
C ALA A 77 7.98 -14.87 -5.87
N PHE A 78 8.21 -15.45 -7.03
CA PHE A 78 8.87 -16.74 -7.13
C PHE A 78 10.33 -16.62 -7.61
N ASN A 79 10.80 -15.38 -7.74
CA ASN A 79 12.20 -15.08 -8.09
C ASN A 79 12.58 -15.55 -9.49
N THR A 80 11.66 -15.42 -10.44
CA THR A 80 11.95 -15.73 -11.82
C THR A 80 11.94 -14.48 -12.68
N ALA A 81 11.84 -13.31 -12.05
CA ALA A 81 12.09 -12.07 -12.77
C ALA A 81 13.54 -12.02 -13.22
N SER A 82 13.80 -11.29 -14.31
CA SER A 82 15.13 -11.17 -14.88
C SER A 82 15.20 -9.89 -15.69
N SER A 83 16.37 -9.61 -16.26
CA SER A 83 16.53 -8.42 -17.07
C SER A 83 15.69 -8.49 -18.36
N THR A 84 15.16 -9.67 -18.67
CA THR A 84 14.29 -9.83 -19.82
C THR A 84 12.88 -10.31 -19.41
N ASN A 85 12.62 -10.28 -18.11
CA ASN A 85 11.33 -10.69 -17.54
C ASN A 85 11.06 -9.78 -16.35
N GLN A 86 10.63 -8.55 -16.63
CA GLN A 86 10.49 -7.58 -15.57
C GLN A 86 9.49 -6.50 -15.90
N ASP A 87 9.06 -5.77 -14.87
CA ASP A 87 8.13 -4.65 -14.97
C ASP A 87 8.93 -3.35 -15.16
N TRP A 88 9.06 -2.91 -16.40
CA TRP A 88 9.93 -1.79 -16.76
C TRP A 88 9.28 -0.42 -16.46
N LEU A 89 8.97 -0.18 -15.20
CA LEU A 89 8.33 1.06 -14.81
C LEU A 89 9.32 2.22 -14.98
N TRP A 90 10.60 1.87 -14.97
CA TRP A 90 11.68 2.82 -15.28
C TRP A 90 11.42 3.49 -16.64
N GLY A 91 11.00 2.71 -17.64
CA GLY A 91 10.71 3.26 -18.95
C GLY A 91 9.68 4.35 -18.87
N THR A 92 8.63 4.11 -18.09
CA THR A 92 7.54 5.07 -17.93
C THR A 92 7.97 6.33 -17.19
N THR A 93 8.62 6.16 -16.04
CA THR A 93 8.96 7.32 -15.22
C THR A 93 9.90 8.27 -15.95
N TYR A 94 10.94 7.75 -16.60
CA TYR A 94 11.85 8.64 -17.32
C TYR A 94 11.18 9.21 -18.57
N GLN A 95 10.22 8.48 -19.14
CA GLN A 95 9.44 9.01 -20.25
C GLN A 95 8.72 10.31 -19.83
N TYR A 96 8.07 10.28 -18.66
CA TYR A 96 7.32 11.43 -18.17
C TYR A 96 8.23 12.52 -17.61
N ILE A 97 9.39 12.14 -17.09
CA ILE A 97 10.40 13.11 -16.68
C ILE A 97 10.83 13.95 -17.87
N GLY A 98 11.09 13.27 -18.99
CA GLY A 98 11.44 13.95 -20.23
C GLY A 98 10.32 14.88 -20.69
N GLN A 99 9.08 14.42 -20.57
CA GLN A 99 7.93 15.20 -20.94
C GLN A 99 7.84 16.48 -20.10
N CYS A 100 8.19 16.37 -18.82
CA CYS A 100 8.23 17.52 -17.95
C CYS A 100 9.26 18.54 -18.44
N TYR A 101 10.48 18.10 -18.69
CA TYR A 101 11.53 19.05 -19.07
C TYR A 101 11.28 19.60 -20.46
N LEU A 102 10.62 18.83 -21.31
CA LEU A 102 10.25 19.32 -22.64
C LEU A 102 9.26 20.48 -22.52
N PHE A 103 8.30 20.31 -21.61
CA PHE A 103 7.31 21.34 -21.29
C PHE A 103 8.01 22.61 -20.80
N LEU A 104 8.91 22.44 -19.84
CA LEU A 104 9.64 23.55 -19.25
C LEU A 104 10.44 24.30 -20.30
N GLN A 105 11.06 23.56 -21.21
CA GLN A 105 11.82 24.16 -22.31
C GLN A 105 10.93 25.01 -23.22
N LYS A 106 9.78 24.48 -23.59
CA LYS A 106 8.85 25.24 -24.42
C LYS A 106 8.28 26.44 -23.67
N LEU A 107 8.00 26.26 -22.38
CA LEU A 107 7.44 27.34 -21.58
C LEU A 107 8.39 28.54 -21.47
N GLU A 108 9.70 28.30 -21.46
CA GLU A 108 10.66 29.39 -21.44
C GLU A 108 10.54 30.30 -22.66
N ASN A 109 10.18 29.72 -23.81
CA ASN A 109 9.97 30.48 -25.03
C ASN A 109 8.55 30.98 -25.20
N ALA A 110 7.73 30.82 -24.18
CA ALA A 110 6.31 31.16 -24.26
C ALA A 110 6.03 32.58 -23.80
N GLY A 111 5.16 33.28 -24.53
CA GLY A 111 4.81 34.65 -24.20
C GLY A 111 3.76 34.76 -23.12
N SER A 112 3.46 35.98 -22.68
CA SER A 112 2.49 36.18 -21.61
C SER A 112 1.05 35.99 -22.11
N ASP A 113 0.90 35.76 -23.41
CA ASP A 113 -0.41 35.41 -23.93
C ASP A 113 -0.67 33.93 -23.64
N ILE A 114 0.38 33.19 -23.30
CA ILE A 114 0.21 31.79 -22.93
C ILE A 114 -0.07 31.64 -21.45
N ALA A 115 0.70 32.34 -20.62
CA ALA A 115 0.49 32.30 -19.18
C ALA A 115 1.14 33.51 -18.53
N SER A 116 0.51 34.03 -17.48
CA SER A 116 1.11 35.09 -16.68
C SER A 116 2.37 34.57 -15.98
N ASP A 117 3.19 35.48 -15.47
CA ASP A 117 4.41 35.09 -14.78
C ASP A 117 4.07 34.24 -13.54
N ALA A 118 3.05 34.66 -12.80
CA ALA A 118 2.62 33.94 -11.60
C ALA A 118 2.17 32.52 -11.93
N GLU A 119 1.46 32.37 -13.04
CA GLU A 119 1.01 31.04 -13.42
C GLU A 119 2.15 30.17 -13.94
N LYS A 120 3.08 30.77 -14.69
CA LYS A 120 4.30 30.05 -15.10
C LYS A 120 5.03 29.48 -13.88
N GLU A 121 5.14 30.28 -12.83
CA GLU A 121 5.80 29.84 -11.62
C GLU A 121 5.10 28.60 -11.06
N GLN A 122 3.77 28.65 -11.03
CA GLN A 122 2.97 27.51 -10.57
C GLN A 122 3.25 26.25 -11.40
N TRP A 123 3.19 26.39 -12.72
CA TRP A 123 3.45 25.29 -13.63
C TRP A 123 4.85 24.70 -13.46
N ARG A 124 5.85 25.56 -13.29
CA ARG A 124 7.20 25.09 -13.07
C ARG A 124 7.32 24.29 -11.77
N ALA A 125 6.62 24.70 -10.73
CA ALA A 125 6.64 23.99 -9.46
C ALA A 125 5.94 22.63 -9.60
N GLU A 126 4.86 22.60 -10.37
CA GLU A 126 4.16 21.35 -10.62
C GLU A 126 5.06 20.34 -11.31
N CYS A 127 5.74 20.77 -12.38
CA CYS A 127 6.70 19.91 -13.09
C CYS A 127 7.84 19.48 -12.17
N GLN A 128 8.33 20.40 -11.33
CA GLN A 128 9.44 20.13 -10.41
C GLN A 128 9.06 19.02 -9.42
N PHE A 129 7.88 19.15 -8.83
CA PHE A 129 7.35 18.11 -8.00
C PHE A 129 7.26 16.78 -8.74
N LEU A 130 6.72 16.82 -9.95
CA LEU A 130 6.52 15.60 -10.73
C LEU A 130 7.83 14.90 -11.03
N VAL A 131 8.81 15.66 -11.50
CA VAL A 131 10.13 15.10 -11.79
C VAL A 131 10.71 14.41 -10.55
N ALA A 132 10.65 15.11 -9.42
CA ALA A 132 11.07 14.53 -8.14
C ALA A 132 10.30 13.26 -7.80
N TYR A 133 8.98 13.29 -7.90
CA TYR A 133 8.18 12.11 -7.58
C TYR A 133 8.53 10.94 -8.49
N TYR A 134 8.65 11.19 -9.79
CA TYR A 134 8.97 10.14 -10.75
C TYR A 134 10.32 9.52 -10.44
N HIS A 135 11.29 10.34 -10.04
CA HIS A 135 12.60 9.81 -9.62
C HIS A 135 12.41 8.91 -8.39
N PHE A 136 11.64 9.39 -7.41
CA PHE A 136 11.39 8.63 -6.19
C PHE A 136 10.75 7.28 -6.50
N ALA A 137 9.69 7.29 -7.31
CA ALA A 137 9.02 6.06 -7.73
C ALA A 137 9.98 5.06 -8.39
N THR A 138 11.03 5.58 -9.03
CA THR A 138 12.05 4.73 -9.64
C THR A 138 13.07 4.25 -8.60
N LEU A 139 13.55 5.19 -7.79
CA LEU A 139 14.48 4.92 -6.70
C LEU A 139 13.99 3.82 -5.75
N ARG A 140 12.74 3.90 -5.31
CA ARG A 140 12.25 2.93 -4.33
C ARG A 140 12.14 1.52 -4.91
N ARG A 141 12.20 1.37 -6.23
CA ARG A 141 12.18 0.03 -6.81
C ARG A 141 13.59 -0.42 -7.28
N TYR A 142 14.39 0.51 -7.81
CA TYR A 142 15.65 0.11 -8.43
C TYR A 142 16.88 0.40 -7.56
N GLY A 143 16.74 1.22 -6.53
CA GLY A 143 17.88 1.64 -5.73
C GLY A 143 18.52 2.86 -6.36
N PRO A 144 19.86 2.96 -6.30
CA PRO A 144 20.59 4.03 -6.99
C PRO A 144 20.17 4.19 -8.45
N ILE A 145 19.85 5.42 -8.84
CA ILE A 145 19.35 5.69 -10.19
C ILE A 145 20.08 6.87 -10.81
N PRO A 146 20.01 6.99 -12.15
CA PRO A 146 20.52 8.20 -12.80
C PRO A 146 19.64 9.38 -12.46
N ILE A 147 20.22 10.49 -12.08
CA ILE A 147 19.44 11.70 -11.91
C ILE A 147 19.35 12.38 -13.27
N THR A 148 18.14 12.56 -13.75
CA THR A 148 17.90 13.23 -15.02
C THR A 148 17.24 14.57 -14.78
N ASP A 149 18.03 15.64 -14.82
CA ASP A 149 17.50 16.95 -14.49
C ASP A 149 17.47 17.91 -15.68
N SER A 150 17.28 17.36 -16.87
CA SER A 150 17.11 18.16 -18.09
C SER A 150 16.55 17.28 -19.20
N TYR A 151 16.16 17.88 -20.31
CA TYR A 151 15.71 17.12 -21.47
C TYR A 151 16.92 16.60 -22.23
N ILE A 152 16.91 15.30 -22.52
CA ILE A 152 18.02 14.68 -23.23
C ILE A 152 17.69 14.42 -24.69
N PRO A 153 18.29 15.20 -25.60
CA PRO A 153 18.13 15.03 -27.05
C PRO A 153 18.68 13.68 -27.51
N MET A 154 17.92 12.95 -28.30
CA MET A 154 18.24 11.56 -28.62
C MET A 154 19.51 11.37 -29.44
N ASP A 155 20.14 12.47 -29.85
CA ASP A 155 21.42 12.36 -30.57
C ASP A 155 22.59 12.59 -29.61
N THR A 156 22.31 12.49 -28.32
CA THR A 156 23.34 12.58 -27.29
C THR A 156 24.32 11.41 -27.42
N PRO A 157 25.63 11.71 -27.39
CA PRO A 157 26.62 10.64 -27.41
C PRO A 157 26.50 9.76 -26.17
N THR A 158 26.55 8.44 -26.37
CA THR A 158 26.34 7.51 -25.28
C THR A 158 27.36 7.74 -24.15
N SER A 159 28.52 8.25 -24.51
CA SER A 159 29.55 8.53 -23.51
C SER A 159 29.10 9.59 -22.50
N GLU A 160 28.06 10.34 -22.84
CA GLU A 160 27.58 11.38 -21.95
C GLU A 160 26.42 10.93 -21.03
N TYR A 161 25.88 9.75 -21.28
CA TYR A 161 24.80 9.23 -20.45
C TYR A 161 25.23 9.13 -18.97
N ASN A 162 24.37 9.59 -18.08
CA ASN A 162 24.59 9.36 -16.66
C ASN A 162 24.40 7.87 -16.31
N GLY A 163 25.26 7.33 -15.46
CA GLY A 163 24.99 6.04 -14.86
C GLY A 163 24.20 6.28 -13.58
N ARG A 164 24.09 5.27 -12.72
CA ARG A 164 23.49 5.47 -11.40
C ARG A 164 24.33 6.40 -10.54
N PHE A 165 23.69 7.32 -9.84
CA PHE A 165 24.34 8.06 -8.76
C PHE A 165 24.15 7.31 -7.47
N HIS A 166 25.10 7.48 -6.56
CA HIS A 166 25.01 6.93 -5.21
C HIS A 166 23.66 7.25 -4.58
N PHE A 167 23.06 6.27 -3.94
CA PHE A 167 21.73 6.38 -3.36
C PHE A 167 21.55 7.67 -2.54
N ASP A 168 22.54 7.99 -1.71
CA ASP A 168 22.41 9.15 -0.83
C ASP A 168 22.49 10.47 -1.61
N TYR A 169 23.17 10.44 -2.74
CA TYR A 169 23.18 11.60 -3.63
C TYR A 169 21.78 11.78 -4.23
N CYS A 170 21.18 10.67 -4.65
CA CYS A 170 19.83 10.68 -5.20
C CYS A 170 18.80 11.21 -4.21
N VAL A 171 18.90 10.75 -2.97
CA VAL A 171 17.99 11.19 -1.92
C VAL A 171 18.09 12.70 -1.70
N ASP A 172 19.32 13.19 -1.63
CA ASP A 172 19.53 14.60 -1.36
C ASP A 172 18.93 15.48 -2.49
N TRP A 173 19.11 15.08 -3.73
CA TRP A 173 18.57 15.83 -4.86
C TRP A 173 17.04 15.85 -4.90
N ILE A 174 16.43 14.67 -4.79
CA ILE A 174 14.99 14.58 -4.79
C ILE A 174 14.38 15.41 -3.66
N ALA A 175 14.96 15.27 -2.47
CA ALA A 175 14.49 16.03 -1.32
C ALA A 175 14.59 17.54 -1.59
N ASN A 176 15.72 18.00 -2.12
CA ASN A 176 15.87 19.42 -2.44
C ASN A 176 14.87 19.88 -3.51
N GLN A 177 14.58 19.04 -4.49
CA GLN A 177 13.60 19.38 -5.52
C GLN A 177 12.17 19.46 -4.96
N LEU A 178 11.85 18.57 -4.04
CA LEU A 178 10.55 18.60 -3.40
C LEU A 178 10.39 19.85 -2.54
N ASP A 179 11.44 20.21 -1.82
CA ASP A 179 11.41 21.40 -0.99
C ASP A 179 11.23 22.68 -1.82
N GLU A 180 11.88 22.74 -2.98
CA GLU A 180 11.77 23.91 -3.84
C GLU A 180 10.35 24.06 -4.35
N ALA A 181 9.74 22.96 -4.80
CA ALA A 181 8.39 23.00 -5.32
C ALA A 181 7.40 23.40 -4.22
N ALA A 182 7.65 22.94 -3.01
CA ALA A 182 6.74 23.19 -1.89
C ALA A 182 6.66 24.67 -1.52
N LYS A 183 7.74 25.41 -1.77
CA LYS A 183 7.76 26.87 -1.54
C LYS A 183 6.68 27.60 -2.35
N VAL A 184 6.34 27.04 -3.51
CA VAL A 184 5.47 27.70 -4.48
C VAL A 184 4.04 27.14 -4.51
N LEU A 185 3.91 25.83 -4.46
CA LEU A 185 2.61 25.19 -4.58
C LEU A 185 1.69 25.53 -3.42
N PRO A 186 0.37 25.58 -3.67
CA PRO A 186 -0.64 25.76 -2.62
C PRO A 186 -0.71 24.53 -1.72
N ALA A 187 -1.11 24.70 -0.47
CA ALA A 187 -1.12 23.58 0.46
C ALA A 187 -2.34 22.69 0.29
N ASN A 188 -3.41 23.26 -0.25
CA ASN A 188 -4.66 22.54 -0.44
C ASN A 188 -5.35 23.00 -1.72
N ARG A 189 -6.11 22.11 -2.32
CA ARG A 189 -6.91 22.42 -3.51
C ARG A 189 -8.31 21.81 -3.36
N THR A 190 -9.31 22.45 -3.95
CA THR A 190 -10.65 21.86 -4.00
C THR A 190 -10.67 20.72 -5.01
N ALA A 191 -11.33 19.62 -4.64
CA ALA A 191 -11.48 18.49 -5.56
C ALA A 191 -12.68 18.71 -6.48
N THR A 192 -12.42 19.07 -7.74
CA THR A 192 -13.50 19.39 -8.65
C THR A 192 -13.62 18.40 -9.81
N ASN A 193 -12.54 17.69 -10.09
CA ASN A 193 -12.53 16.71 -11.17
C ASN A 193 -11.50 15.61 -10.92
N GLU A 194 -11.09 14.91 -11.96
CA GLU A 194 -10.19 13.78 -11.80
C GLU A 194 -8.71 14.13 -11.90
N TRP A 195 -8.41 15.42 -12.02
CA TRP A 195 -7.01 15.82 -12.13
C TRP A 195 -6.57 16.43 -10.82
N GLY A 196 -5.90 15.66 -9.98
CA GLY A 196 -5.42 16.16 -8.71
C GLY A 196 -4.02 16.73 -8.82
N ARG A 197 -3.93 18.05 -8.84
CA ARG A 197 -2.65 18.72 -9.09
C ARG A 197 -1.85 18.90 -7.81
N ALA A 198 -0.54 19.03 -7.96
CA ALA A 198 0.39 18.96 -6.84
C ALA A 198 0.16 20.06 -5.81
N THR A 199 0.39 19.72 -4.54
CA THR A 199 0.36 20.67 -3.44
C THR A 199 1.66 20.62 -2.66
N SER A 200 1.90 21.64 -1.85
CA SER A 200 3.04 21.63 -0.95
C SER A 200 2.89 20.48 0.06
N THR A 201 1.65 20.19 0.42
CA THR A 201 1.34 19.10 1.32
C THR A 201 1.82 17.76 0.75
N ILE A 202 1.53 17.52 -0.52
CA ILE A 202 2.00 16.29 -1.18
C ILE A 202 3.52 16.28 -1.29
N ALA A 203 4.11 17.41 -1.67
CA ALA A 203 5.55 17.50 -1.82
C ALA A 203 6.26 17.12 -0.52
N LYS A 204 5.76 17.64 0.60
CA LYS A 204 6.37 17.39 1.90
C LYS A 204 6.13 15.96 2.36
N ALA A 205 4.97 15.40 2.04
CA ALA A 205 4.68 14.01 2.41
C ALA A 205 5.56 13.05 1.63
N VAL A 206 5.81 13.33 0.35
CA VAL A 206 6.70 12.50 -0.46
C VAL A 206 8.11 12.56 0.14
N LYS A 207 8.55 13.75 0.51
CA LYS A 207 9.87 13.92 1.07
C LYS A 207 9.98 13.13 2.36
N ALA A 208 8.94 13.21 3.16
CA ALA A 208 8.91 12.49 4.43
C ALA A 208 9.11 11.00 4.21
N ARG A 209 8.37 10.44 3.26
CA ARG A 209 8.51 9.01 2.99
C ARG A 209 9.88 8.70 2.40
N LEU A 210 10.38 9.60 1.55
CA LEU A 210 11.71 9.45 0.97
C LEU A 210 12.78 9.34 2.07
N LEU A 211 12.79 10.29 3.00
CA LEU A 211 13.84 10.34 4.02
C LEU A 211 13.71 9.17 5.00
N LEU A 212 12.49 8.71 5.22
CA LEU A 212 12.24 7.58 6.12
C LEU A 212 12.84 6.33 5.48
N TYR A 213 12.57 6.13 4.19
CA TYR A 213 13.16 5.04 3.44
C TYR A 213 14.70 5.11 3.53
N ALA A 214 15.24 6.29 3.27
CA ALA A 214 16.69 6.48 3.23
C ALA A 214 17.38 6.15 4.56
N ALA A 215 16.68 6.34 5.66
CA ALA A 215 17.22 6.10 7.01
C ALA A 215 17.12 4.64 7.42
N SER A 216 16.35 3.87 6.65
CA SER A 216 16.07 2.46 6.96
C SER A 216 17.29 1.54 6.75
N PRO A 217 17.35 0.43 7.48
CA PRO A 217 18.44 -0.55 7.42
C PRO A 217 19.00 -0.82 6.01
N LEU A 218 18.14 -1.12 5.04
CA LEU A 218 18.63 -1.43 3.69
C LEU A 218 19.52 -0.34 3.13
N TRP A 219 19.18 0.91 3.42
CA TRP A 219 19.92 2.04 2.85
C TRP A 219 20.82 2.72 3.87
N ASN A 220 20.79 2.21 5.10
CA ASN A 220 21.51 2.83 6.20
C ASN A 220 22.31 1.80 7.01
N GLY A 221 22.96 0.88 6.33
CA GLY A 221 23.91 0.02 6.99
C GLY A 221 23.78 -1.48 6.77
N SER A 222 22.70 -1.92 6.13
CA SER A 222 22.44 -3.36 5.96
C SER A 222 22.25 -3.79 4.51
N PHE A 223 22.69 -2.98 3.56
CA PHE A 223 22.61 -3.43 2.17
C PHE A 223 23.42 -4.71 1.97
N PRO A 224 22.83 -5.71 1.31
CA PRO A 224 23.48 -7.04 1.28
C PRO A 224 24.68 -7.17 0.32
N TYR A 225 24.86 -6.22 -0.59
CA TYR A 225 25.98 -6.24 -1.52
C TYR A 225 26.88 -5.01 -1.37
N PRO A 226 27.70 -4.98 -0.31
CA PRO A 226 28.50 -3.80 -0.01
C PRO A 226 29.54 -3.48 -1.08
N ASN A 227 29.91 -4.46 -1.89
CA ASN A 227 30.92 -4.25 -2.92
C ASN A 227 30.33 -3.93 -4.29
N TRP A 228 29.01 -3.76 -4.35
CA TRP A 228 28.35 -3.39 -5.60
C TRP A 228 28.66 -1.95 -5.91
N GLN A 229 29.19 -1.67 -7.09
CA GLN A 229 29.53 -0.29 -7.40
C GLN A 229 29.63 0.02 -8.89
N ASN A 230 29.81 1.29 -9.20
CA ASN A 230 29.92 1.72 -10.58
C ASN A 230 31.23 1.19 -11.16
N GLU A 231 31.26 1.04 -12.48
CA GLU A 231 32.49 0.65 -13.17
C GLU A 231 33.19 1.85 -13.77
N ASN A 232 32.46 2.72 -14.47
CA ASN A 232 33.09 3.85 -15.11
C ASN A 232 32.33 5.16 -14.92
N PHE A 233 31.69 5.31 -13.77
CA PHE A 233 30.92 6.50 -13.51
C PHE A 233 31.10 6.95 -12.06
N GLU A 234 31.28 8.25 -11.85
CA GLU A 234 31.57 8.79 -10.53
C GLU A 234 30.41 9.62 -9.97
N THR A 235 30.15 9.46 -8.69
CA THR A 235 29.22 10.33 -7.96
C THR A 235 29.99 11.32 -7.11
N PRO A 236 29.81 12.63 -7.34
CA PRO A 236 30.52 13.59 -6.51
C PRO A 236 30.31 13.31 -5.02
N GLY A 237 31.39 13.03 -4.30
CA GLY A 237 31.32 12.81 -2.88
C GLY A 237 31.43 11.35 -2.50
N TYR A 238 31.37 10.47 -3.49
CA TYR A 238 31.31 9.03 -3.25
C TYR A 238 32.19 8.22 -4.18
N GLY A 239 32.69 8.84 -5.24
CA GLY A 239 33.47 8.10 -6.21
C GLY A 239 32.60 7.07 -6.91
N LYS A 240 33.03 5.81 -6.90
CA LYS A 240 32.31 4.76 -7.59
C LYS A 240 31.32 4.01 -6.69
N ALA A 241 31.26 4.36 -5.42
CA ALA A 241 30.33 3.68 -4.51
C ALA A 241 28.87 3.98 -4.88
N LEU A 242 27.97 3.06 -4.54
CA LEU A 242 26.55 3.18 -4.86
C LEU A 242 25.65 3.22 -3.64
N VAL A 243 26.07 2.54 -2.56
CA VAL A 243 25.25 2.41 -1.37
C VAL A 243 26.12 2.54 -0.13
N SER A 244 25.63 3.27 0.88
CA SER A 244 26.32 3.33 2.17
C SER A 244 26.43 1.96 2.78
N ASN A 245 27.54 1.69 3.48
CA ASN A 245 27.65 0.43 4.18
C ASN A 245 27.82 0.68 5.69
N THR A 246 27.40 1.86 6.13
CA THR A 246 27.64 2.27 7.51
C THR A 246 26.50 3.07 8.12
N TYR A 247 26.01 2.62 9.27
CA TYR A 247 24.90 3.28 9.94
C TYR A 247 25.19 4.75 10.27
N ASP A 248 24.26 5.60 9.90
CA ASP A 248 24.36 7.05 10.04
C ASP A 248 23.10 7.55 10.77
N LYS A 249 23.26 7.94 12.03
CA LYS A 249 22.14 8.36 12.85
C LYS A 249 21.50 9.66 12.35
N SER A 250 22.30 10.51 11.71
CA SER A 250 21.82 11.81 11.24
C SER A 250 20.68 11.64 10.23
N LYS A 251 20.62 10.49 9.56
CA LYS A 251 19.55 10.23 8.59
C LYS A 251 18.21 10.13 9.29
N TRP A 252 18.20 9.59 10.50
CA TRP A 252 16.98 9.48 11.27
C TRP A 252 16.59 10.84 11.84
N GLU A 253 17.58 11.63 12.21
CA GLU A 253 17.34 12.98 12.67
C GLU A 253 16.68 13.80 11.57
N ARG A 254 17.20 13.71 10.36
CA ARG A 254 16.63 14.48 9.26
C ARG A 254 15.27 13.91 8.87
N ALA A 255 15.11 12.60 8.94
CA ALA A 255 13.82 11.99 8.63
C ALA A 255 12.75 12.47 9.61
N LEU A 256 13.07 12.46 10.90
CA LEU A 256 12.13 12.95 11.91
C LEU A 256 11.66 14.38 11.61
N ALA A 257 12.61 15.28 11.39
CA ALA A 257 12.28 16.66 11.09
C ALA A 257 11.40 16.76 9.84
N ALA A 258 11.71 15.97 8.82
CA ALA A 258 10.91 15.98 7.59
C ALA A 258 9.50 15.44 7.84
N CYS A 259 9.40 14.38 8.63
CA CYS A 259 8.11 13.78 8.95
C CYS A 259 7.26 14.70 9.83
N GLN A 260 7.89 15.31 10.83
CA GLN A 260 7.22 16.31 11.65
C GLN A 260 6.71 17.47 10.80
N GLU A 261 7.55 17.96 9.88
CA GLU A 261 7.12 19.09 9.04
C GLU A 261 5.91 18.70 8.20
N ALA A 262 5.95 17.53 7.58
CA ALA A 262 4.85 17.08 6.73
C ALA A 262 3.53 16.97 7.50
N LEU A 263 3.60 16.41 8.70
CA LEU A 263 2.41 16.27 9.54
C LEU A 263 1.82 17.63 9.91
N THR A 264 2.66 18.53 10.40
CA THR A 264 2.24 19.87 10.76
C THR A 264 1.58 20.60 9.58
N LEU A 265 2.22 20.57 8.41
CA LEU A 265 1.66 21.21 7.22
C LEU A 265 0.29 20.62 6.84
N ALA A 266 0.22 19.30 6.75
CA ALA A 266 -1.01 18.60 6.40
C ALA A 266 -2.18 18.98 7.31
N THR A 267 -1.89 19.05 8.61
CA THR A 267 -2.94 19.28 9.61
C THR A 267 -3.24 20.76 9.86
N THR A 268 -2.49 21.65 9.23
CA THR A 268 -2.82 23.06 9.32
C THR A 268 -3.34 23.55 7.99
N SER A 269 -2.49 24.11 7.15
CA SER A 269 -3.02 24.69 5.92
C SER A 269 -3.37 23.60 4.89
N GLY A 270 -2.88 22.38 5.12
CA GLY A 270 -3.27 21.23 4.30
C GLY A 270 -4.72 20.87 4.54
N ASP A 271 -5.25 21.30 5.67
CA ASP A 271 -6.64 21.08 6.05
C ASP A 271 -6.99 19.57 6.06
N ARG A 272 -6.06 18.75 6.53
CA ARG A 272 -6.29 17.31 6.66
C ARG A 272 -6.60 16.90 8.11
N GLU A 273 -7.47 15.90 8.26
CA GLU A 273 -7.67 15.27 9.55
C GLU A 273 -8.07 13.81 9.36
N LEU A 274 -7.77 12.98 10.35
CA LEU A 274 -8.14 11.57 10.29
C LEU A 274 -9.65 11.46 10.18
N TYR A 275 -10.10 10.61 9.28
CA TYR A 275 -11.52 10.30 9.15
C TYR A 275 -12.08 9.73 10.44
N ASP A 276 -13.14 10.35 10.95
CA ASP A 276 -13.60 10.03 12.29
C ASP A 276 -15.12 10.07 12.42
N ASP A 277 -15.81 9.95 11.29
CA ASP A 277 -17.26 10.01 11.27
C ASP A 277 -17.86 8.66 11.68
N ASP A 278 -18.71 8.68 12.70
CA ASP A 278 -19.32 7.46 13.24
C ASP A 278 -20.71 7.14 12.74
N GLU A 279 -21.27 8.02 11.91
CA GLU A 279 -22.69 7.96 11.58
C GLU A 279 -23.03 7.93 10.10
N TYR A 280 -22.02 7.80 9.24
CA TYR A 280 -22.27 7.76 7.80
C TYR A 280 -23.12 6.56 7.42
N TYR A 281 -22.84 5.41 8.03
CA TYR A 281 -23.61 4.19 7.78
C TYR A 281 -25.09 4.46 8.02
N SER A 282 -25.37 5.28 9.02
CA SER A 282 -26.73 5.60 9.43
C SER A 282 -27.43 6.48 8.39
N ARG A 283 -26.69 7.47 7.90
CA ARG A 283 -27.20 8.36 6.86
C ARG A 283 -27.40 7.63 5.55
N GLN A 284 -26.78 6.45 5.42
CA GLN A 284 -26.96 5.63 4.24
C GLN A 284 -27.96 4.51 4.49
N SER A 285 -28.67 4.59 5.61
CA SER A 285 -29.73 3.64 5.96
C SER A 285 -29.23 2.20 6.07
N LEU A 286 -28.06 2.01 6.69
CA LEU A 286 -27.49 0.68 6.83
C LEU A 286 -27.56 0.18 8.26
N ASN A 287 -27.63 -1.14 8.42
CA ASN A 287 -27.49 -1.75 9.73
C ASN A 287 -26.02 -1.85 10.11
N LEU A 288 -25.74 -1.84 11.41
CA LEU A 288 -24.42 -2.16 11.92
C LEU A 288 -24.08 -3.61 11.59
N PRO A 289 -22.79 -3.91 11.44
CA PRO A 289 -22.40 -5.23 10.96
C PRO A 289 -22.47 -6.30 12.03
N PHE A 290 -22.67 -7.54 11.61
CA PHE A 290 -22.50 -8.65 12.51
C PHE A 290 -21.03 -8.80 12.86
N VAL A 291 -20.77 -8.85 14.17
CA VAL A 291 -19.43 -9.15 14.66
C VAL A 291 -19.58 -10.25 15.70
N PRO A 292 -18.83 -11.36 15.56
CA PRO A 292 -18.97 -12.44 16.52
C PRO A 292 -18.61 -11.97 17.92
N GLY A 293 -19.50 -12.21 18.88
CA GLY A 293 -19.26 -11.87 20.27
C GLY A 293 -19.52 -10.41 20.60
N VAL A 294 -19.94 -9.64 19.62
CA VAL A 294 -20.26 -8.22 19.83
C VAL A 294 -21.60 -7.92 19.19
N ALA A 295 -22.68 -8.23 19.92
CA ALA A 295 -24.02 -8.10 19.41
C ALA A 295 -24.42 -6.66 19.26
N ASP A 296 -25.35 -6.40 18.36
CA ASP A 296 -25.86 -5.06 18.11
C ASP A 296 -26.77 -4.61 19.25
N VAL A 297 -26.16 -4.23 20.36
CA VAL A 297 -26.88 -3.70 21.51
C VAL A 297 -26.24 -2.38 21.92
N GLU A 298 -26.84 -1.67 22.87
CA GLU A 298 -26.42 -0.33 23.22
C GLU A 298 -24.98 -0.23 23.73
N ASP A 299 -24.56 -1.21 24.53
CA ASP A 299 -23.24 -1.17 25.13
C ASP A 299 -22.11 -1.40 24.13
N ASN A 300 -22.46 -1.91 22.95
CA ASN A 300 -21.47 -2.25 21.93
C ASN A 300 -21.44 -1.30 20.74
N LYS A 301 -22.30 -0.28 20.77
CA LYS A 301 -22.47 0.62 19.63
C LYS A 301 -21.15 1.25 19.19
N GLU A 302 -20.32 1.62 20.15
CA GLU A 302 -19.05 2.30 19.84
C GLU A 302 -18.14 1.42 18.99
N PHE A 303 -17.98 0.17 19.40
CA PHE A 303 -17.18 -0.81 18.67
C PHE A 303 -17.72 -1.01 17.25
N LEU A 304 -19.01 -1.28 17.15
CA LEU A 304 -19.61 -1.60 15.87
C LEU A 304 -19.51 -0.40 14.94
N LYS A 305 -19.70 0.80 15.48
CA LYS A 305 -19.56 2.00 14.67
C LYS A 305 -18.11 2.25 14.24
N ASN A 306 -17.15 1.81 15.04
CA ASN A 306 -15.75 1.89 14.62
C ASN A 306 -15.46 0.95 13.46
N VAL A 307 -16.08 -0.22 13.49
CA VAL A 307 -15.96 -1.16 12.38
C VAL A 307 -16.35 -0.46 11.06
N MET A 308 -17.54 0.13 11.01
CA MET A 308 -18.02 0.80 9.81
C MET A 308 -17.19 2.04 9.44
N LYS A 309 -16.77 2.79 10.45
CA LYS A 309 -15.89 3.92 10.20
C LYS A 309 -14.64 3.50 9.44
N MET A 310 -14.06 2.37 9.82
CA MET A 310 -12.83 1.93 9.20
C MET A 310 -13.09 1.40 7.79
N ARG A 311 -14.29 0.90 7.54
CA ARG A 311 -14.66 0.54 6.18
C ARG A 311 -14.76 1.78 5.33
N TYR A 312 -15.38 2.83 5.85
CA TYR A 312 -15.57 4.06 5.09
C TYR A 312 -14.28 4.88 4.97
N ALA A 313 -13.38 4.70 5.93
CA ALA A 313 -12.16 5.50 5.96
C ALA A 313 -11.37 5.37 4.65
N VAL A 314 -11.42 4.18 4.05
CA VAL A 314 -10.65 3.91 2.85
C VAL A 314 -11.54 3.66 1.65
N SER A 315 -12.79 4.15 1.71
CA SER A 315 -13.67 4.06 0.55
C SER A 315 -14.56 5.31 0.37
N THR A 316 -14.10 6.48 0.80
CA THR A 316 -14.93 7.68 0.70
C THR A 316 -14.21 8.85 0.01
N ARG A 317 -15.00 9.69 -0.66
CA ARG A 317 -14.50 10.93 -1.28
C ARG A 317 -14.45 12.09 -0.31
N GLU A 318 -13.76 13.17 -0.69
CA GLU A 318 -13.76 14.34 0.16
C GLU A 318 -15.17 14.90 0.26
N SER A 319 -15.93 14.80 -0.81
CA SER A 319 -17.32 15.26 -0.82
C SER A 319 -18.22 14.41 0.10
N GLU A 320 -17.75 13.22 0.48
CA GLU A 320 -18.51 12.39 1.40
C GLU A 320 -18.11 12.69 2.84
N GLY A 321 -17.12 13.56 3.01
CA GLY A 321 -16.70 13.97 4.34
C GLY A 321 -15.30 13.54 4.73
N ASN A 322 -14.59 12.92 3.81
CA ASN A 322 -13.24 12.45 4.12
C ASN A 322 -12.19 13.55 3.85
N LYS A 323 -11.49 13.97 4.89
CA LYS A 323 -10.41 14.93 4.70
C LYS A 323 -9.05 14.31 5.06
N GLU A 324 -8.93 13.00 4.95
CA GLU A 324 -7.70 12.34 5.34
C GLU A 324 -6.75 12.14 4.17
N ILE A 325 -7.27 12.09 2.95
CA ILE A 325 -6.44 11.79 1.80
C ILE A 325 -5.62 12.99 1.36
N ILE A 326 -4.30 12.79 1.33
CA ILE A 326 -3.36 13.81 0.88
C ILE A 326 -3.16 13.74 -0.64
N TRP A 327 -2.95 12.55 -1.17
CA TRP A 327 -2.88 12.35 -2.62
C TRP A 327 -3.65 11.09 -3.00
N GLY A 328 -4.68 11.26 -3.81
CA GLY A 328 -5.43 10.12 -4.32
C GLY A 328 -5.65 10.26 -5.82
N LEU A 329 -5.82 9.13 -6.51
CA LEU A 329 -6.02 9.12 -7.95
C LEU A 329 -7.42 8.61 -8.30
N SER A 330 -7.94 9.05 -9.44
CA SER A 330 -9.20 8.54 -9.97
C SER A 330 -9.07 7.10 -10.49
N ASN A 331 -7.85 6.70 -10.88
CA ASN A 331 -7.58 5.33 -11.32
C ASN A 331 -8.08 4.28 -10.36
N GLN A 332 -8.92 3.37 -10.86
CA GLN A 332 -9.51 2.34 -10.02
C GLN A 332 -8.74 1.04 -10.10
N PHE A 333 -8.97 0.18 -9.11
CA PHE A 333 -8.47 -1.19 -9.14
C PHE A 333 -9.61 -2.17 -8.98
N ASP A 334 -9.38 -3.40 -9.42
CA ASP A 334 -10.42 -4.41 -9.47
C ASP A 334 -10.85 -4.91 -8.10
N PHE A 335 -12.14 -5.15 -7.92
CA PHE A 335 -12.69 -5.71 -6.69
C PHE A 335 -13.07 -7.18 -6.82
N TYR A 336 -13.39 -7.63 -8.02
CA TYR A 336 -13.86 -9.00 -8.18
C TYR A 336 -12.86 -10.02 -7.68
N SER A 337 -11.58 -9.68 -7.72
CA SER A 337 -10.54 -10.58 -7.24
C SER A 337 -10.61 -10.83 -5.72
N ARG A 338 -11.25 -9.95 -4.97
CA ARG A 338 -11.35 -10.17 -3.52
C ARG A 338 -12.75 -10.64 -3.06
N TYR A 339 -13.74 -10.57 -3.95
CA TYR A 339 -15.09 -11.09 -3.67
C TYR A 339 -15.12 -12.61 -3.54
N PRO A 340 -16.06 -13.16 -2.76
CA PRO A 340 -16.21 -14.63 -2.66
C PRO A 340 -16.66 -15.25 -3.98
N LEU A 341 -16.60 -16.57 -4.12
CA LEU A 341 -16.95 -17.21 -5.38
C LEU A 341 -18.40 -16.99 -5.78
N ARG A 342 -19.33 -17.70 -5.15
CA ARG A 342 -20.73 -17.50 -5.46
C ARG A 342 -21.33 -16.45 -4.52
N ILE A 343 -21.75 -15.34 -5.10
CA ILE A 343 -22.25 -14.22 -4.34
C ILE A 343 -23.76 -14.32 -4.13
N LEU A 344 -24.50 -14.51 -5.23
CA LEU A 344 -25.96 -14.47 -5.17
C LEU A 344 -26.57 -15.14 -6.41
N LYS A 345 -27.56 -16.01 -6.21
CA LYS A 345 -28.22 -16.69 -7.31
C LYS A 345 -29.28 -15.80 -7.95
N LYS A 346 -29.11 -15.52 -9.23
CA LYS A 346 -30.03 -14.62 -9.93
C LYS A 346 -31.32 -15.37 -10.23
N SER A 347 -32.37 -14.64 -10.57
CA SER A 347 -33.66 -15.26 -10.86
C SER A 347 -33.62 -16.14 -12.11
N ASP A 348 -32.62 -15.95 -12.96
CA ASP A 348 -32.47 -16.82 -14.14
C ASP A 348 -31.73 -18.11 -13.81
N GLY A 349 -31.37 -18.28 -12.54
CA GLY A 349 -30.72 -19.50 -12.11
C GLY A 349 -29.21 -19.47 -12.17
N THR A 350 -28.64 -18.48 -12.84
CA THR A 350 -27.19 -18.29 -12.84
C THR A 350 -26.75 -17.46 -11.64
N TRP A 351 -25.44 -17.44 -11.39
CA TRP A 351 -24.87 -16.81 -10.20
C TRP A 351 -24.07 -15.54 -10.50
N HIS A 352 -24.29 -14.51 -9.70
CA HIS A 352 -23.29 -13.46 -9.57
C HIS A 352 -22.06 -14.10 -8.92
N ALA A 353 -20.87 -13.85 -9.46
CA ALA A 353 -19.67 -14.48 -8.95
C ALA A 353 -18.46 -13.56 -8.83
N GLY A 354 -17.60 -13.87 -7.86
CA GLY A 354 -16.31 -13.21 -7.73
C GLY A 354 -15.18 -14.20 -8.01
N TYR A 355 -13.93 -13.72 -7.98
CA TYR A 355 -12.77 -14.56 -8.26
C TYR A 355 -12.13 -15.17 -7.00
N SER A 356 -12.37 -14.53 -5.86
CA SER A 356 -11.93 -15.05 -4.57
C SER A 356 -10.45 -15.38 -4.45
N GLY A 357 -9.60 -14.68 -5.17
CA GLY A 357 -8.19 -15.00 -5.21
C GLY A 357 -7.32 -14.30 -4.17
N VAL A 358 -7.68 -13.08 -3.82
CA VAL A 358 -6.92 -12.34 -2.81
C VAL A 358 -7.14 -13.03 -1.48
N SER A 359 -6.12 -13.72 -0.99
CA SER A 359 -6.28 -14.62 0.13
C SER A 359 -5.37 -14.24 1.30
N PRO A 360 -5.92 -13.53 2.30
CA PRO A 360 -5.12 -13.15 3.46
C PRO A 360 -4.47 -14.34 4.16
N THR A 361 -3.23 -14.16 4.57
CA THR A 361 -2.46 -15.19 5.25
C THR A 361 -2.81 -15.29 6.73
N LEU A 362 -2.36 -16.37 7.36
CA LEU A 362 -2.44 -16.45 8.81
C LEU A 362 -1.58 -15.34 9.42
N TYR A 363 -0.49 -14.98 8.78
CA TYR A 363 0.32 -13.88 9.32
C TYR A 363 -0.56 -12.65 9.53
N THR A 364 -1.38 -12.35 8.53
CA THR A 364 -2.33 -11.24 8.62
C THR A 364 -3.33 -11.49 9.74
N PHE A 365 -3.91 -12.68 9.78
CA PHE A 365 -4.92 -12.97 10.78
C PHE A 365 -4.32 -13.07 12.20
N GLU A 366 -2.99 -13.16 12.31
CA GLU A 366 -2.36 -13.21 13.62
C GLU A 366 -1.74 -11.88 14.04
N HIS A 367 -1.69 -10.89 13.14
CA HIS A 367 -1.06 -9.63 13.51
C HIS A 367 -1.98 -8.40 13.49
N PHE A 368 -3.23 -8.57 13.06
CA PHE A 368 -4.23 -7.59 13.42
C PHE A 368 -4.42 -7.73 14.94
N TYR A 369 -4.84 -6.67 15.61
CA TYR A 369 -4.91 -6.75 17.06
C TYR A 369 -6.13 -7.49 17.62
N THR A 370 -6.02 -7.85 18.88
CA THR A 370 -7.16 -8.19 19.70
C THR A 370 -7.93 -6.91 20.01
N ALA A 371 -9.11 -7.08 20.62
CA ALA A 371 -9.92 -5.94 21.03
C ALA A 371 -9.16 -5.08 22.01
N ASN A 372 -8.20 -5.66 22.72
CA ASN A 372 -7.38 -4.92 23.69
C ASN A 372 -6.16 -4.23 23.07
N GLY A 373 -6.04 -4.28 21.75
CA GLY A 373 -4.97 -3.59 21.06
C GLY A 373 -3.62 -4.28 21.14
N LYS A 374 -3.64 -5.58 21.35
CA LYS A 374 -2.43 -6.40 21.46
C LYS A 374 -2.41 -7.54 20.43
N LEU A 375 -1.22 -8.07 20.13
CA LEU A 375 -1.10 -9.26 19.32
C LEU A 375 -1.74 -10.46 20.03
N PRO A 376 -2.55 -11.24 19.31
CA PRO A 376 -3.15 -12.45 19.88
C PRO A 376 -2.15 -13.32 20.65
N GLU A 377 -0.96 -13.50 20.08
CA GLU A 377 0.03 -14.35 20.71
C GLU A 377 0.47 -13.75 22.05
N LYS A 378 0.64 -12.43 22.11
CA LYS A 378 1.11 -11.74 23.31
C LYS A 378 0.05 -11.46 24.39
N ASP A 379 -1.22 -11.38 24.01
CA ASP A 379 -2.30 -10.93 24.89
C ASP A 379 -2.65 -11.97 25.97
N LEU A 380 -2.40 -11.67 27.23
CA LEU A 380 -2.78 -12.57 28.33
C LEU A 380 -4.29 -12.83 28.41
N ASP A 381 -5.10 -11.93 27.87
CA ASP A 381 -6.55 -12.10 27.96
C ASP A 381 -7.13 -12.75 26.73
N PHE A 382 -6.27 -13.21 25.84
CA PHE A 382 -6.75 -13.82 24.61
C PHE A 382 -6.40 -15.31 24.58
N THR A 383 -7.27 -16.08 23.93
CA THR A 383 -7.11 -17.51 23.70
C THR A 383 -5.66 -17.93 23.45
N PRO A 384 -5.22 -19.03 24.09
CA PRO A 384 -3.89 -19.53 23.74
C PRO A 384 -3.84 -20.08 22.31
N SER A 385 -2.69 -19.96 21.68
CA SER A 385 -2.52 -20.35 20.29
C SER A 385 -2.93 -21.80 20.02
N SER A 386 -2.90 -22.63 21.06
CA SER A 386 -3.26 -24.03 20.93
C SER A 386 -4.74 -24.23 20.62
N GLU A 387 -5.55 -23.22 20.91
CA GLU A 387 -7.00 -23.33 20.75
C GLU A 387 -7.55 -22.44 19.64
N TRP A 388 -6.67 -21.76 18.91
CA TRP A 388 -7.09 -20.77 17.92
C TRP A 388 -7.99 -21.34 16.82
N PHE A 389 -7.81 -22.62 16.51
CA PHE A 389 -8.54 -23.21 15.40
C PHE A 389 -9.77 -24.04 15.84
N GLU A 390 -10.09 -23.99 17.12
CA GLU A 390 -11.30 -24.61 17.65
C GLU A 390 -12.52 -23.76 17.32
N SER A 391 -13.69 -24.38 17.22
CA SER A 391 -14.92 -23.60 17.05
C SER A 391 -15.14 -22.69 18.25
N ALA A 392 -15.56 -21.44 18.01
CA ALA A 392 -15.93 -20.54 19.10
C ALA A 392 -17.33 -20.87 19.66
N GLY A 393 -18.02 -21.81 19.04
CA GLY A 393 -19.29 -22.29 19.55
C GLY A 393 -20.43 -21.28 19.48
N ILE A 394 -20.34 -20.32 18.56
CA ILE A 394 -21.40 -19.33 18.37
C ILE A 394 -22.57 -19.95 17.62
N SER A 395 -23.74 -19.89 18.25
CA SER A 395 -24.95 -20.52 17.74
C SER A 395 -25.28 -20.09 16.31
N SER A 396 -25.51 -21.07 15.45
CA SER A 396 -25.81 -20.89 14.03
C SER A 396 -24.62 -20.37 13.23
N ARG A 397 -23.49 -20.15 13.89
CA ARG A 397 -22.29 -19.71 13.19
C ARG A 397 -21.06 -20.50 13.66
N GLU A 398 -21.26 -21.79 13.86
CA GLU A 398 -20.27 -22.66 14.45
C GLU A 398 -18.96 -22.72 13.66
N ASP A 399 -18.97 -22.28 12.40
CA ASP A 399 -17.76 -22.30 11.58
C ASP A 399 -16.71 -21.29 12.02
N ILE A 400 -17.14 -20.28 12.75
CA ILE A 400 -16.21 -19.24 13.19
C ILE A 400 -15.25 -19.80 14.24
N ILE A 401 -13.95 -19.72 13.97
CA ILE A 401 -12.95 -20.22 14.92
C ILE A 401 -12.59 -19.16 15.97
N LYS A 402 -12.00 -19.60 17.08
CA LYS A 402 -11.73 -18.70 18.21
C LYS A 402 -10.76 -17.58 17.85
N LEU A 403 -9.89 -17.84 16.89
CA LEU A 403 -8.94 -16.81 16.45
C LEU A 403 -9.69 -15.59 15.92
N ASN A 404 -10.87 -15.81 15.37
CA ASN A 404 -11.59 -14.74 14.70
C ASN A 404 -12.61 -14.04 15.60
N VAL A 405 -12.62 -14.42 16.86
CA VAL A 405 -13.46 -13.79 17.88
C VAL A 405 -12.61 -12.96 18.83
N GLY A 406 -13.13 -11.81 19.25
CA GLY A 406 -12.47 -10.96 20.23
C GLY A 406 -11.39 -10.06 19.65
N ARG A 407 -11.54 -9.70 18.38
CA ARG A 407 -10.51 -8.91 17.71
C ARG A 407 -10.86 -7.42 17.67
N GLU A 408 -9.94 -6.62 17.16
CA GLU A 408 -10.15 -5.18 17.01
C GLU A 408 -11.10 -4.82 15.87
N PRO A 409 -11.71 -3.63 15.92
CA PRO A 409 -12.66 -3.23 14.86
C PRO A 409 -12.08 -3.30 13.44
N ARG A 410 -10.80 -2.97 13.27
CA ARG A 410 -10.18 -3.01 11.93
C ARG A 410 -10.16 -4.42 11.36
N PHE A 411 -10.05 -5.42 12.23
CA PHE A 411 -10.07 -6.81 11.79
C PHE A 411 -11.41 -7.17 11.16
N TYR A 412 -12.51 -6.80 11.81
CA TYR A 412 -13.83 -7.11 11.27
C TYR A 412 -14.18 -6.18 10.11
N ALA A 413 -13.68 -4.96 10.14
CA ALA A 413 -13.86 -4.04 9.01
C ALA A 413 -13.34 -4.63 7.71
N TRP A 414 -12.15 -5.22 7.76
CA TRP A 414 -11.40 -5.49 6.55
C TRP A 414 -11.20 -6.95 6.22
N MET A 415 -11.44 -7.83 7.18
CA MET A 415 -11.23 -9.25 6.95
C MET A 415 -12.55 -10.00 6.89
N ALA A 416 -12.48 -11.22 6.37
CA ALA A 416 -13.66 -12.07 6.34
C ALA A 416 -13.25 -13.52 6.40
N PHE A 417 -14.14 -14.34 6.93
CA PHE A 417 -13.79 -15.69 7.34
C PHE A 417 -15.01 -16.61 7.37
N ASP A 418 -14.75 -17.90 7.32
CA ASP A 418 -15.80 -18.93 7.42
C ASP A 418 -16.77 -18.66 8.58
N GLY A 419 -18.05 -18.62 8.26
CA GLY A 419 -19.11 -18.40 9.24
C GLY A 419 -19.45 -16.94 9.52
N GLY A 420 -18.61 -16.02 9.06
CA GLY A 420 -18.87 -14.60 9.22
C GLY A 420 -19.58 -13.99 8.01
N ASP A 421 -19.84 -12.68 8.06
CA ASP A 421 -20.49 -11.96 6.97
C ASP A 421 -19.51 -11.27 6.02
N TYR A 422 -19.87 -11.23 4.74
CA TYR A 422 -19.14 -10.43 3.78
C TYR A 422 -20.06 -9.29 3.32
N GLY A 423 -19.66 -8.05 3.58
CA GLY A 423 -20.44 -6.92 3.15
C GLY A 423 -21.68 -6.63 3.98
N THR A 424 -22.48 -5.66 3.52
CA THR A 424 -23.67 -5.23 4.24
C THR A 424 -24.91 -5.45 3.38
N LYS A 425 -24.93 -4.82 2.21
CA LYS A 425 -26.02 -4.98 1.23
C LYS A 425 -25.67 -6.03 0.16
N PHE A 426 -24.57 -6.75 0.39
CA PHE A 426 -23.91 -7.53 -0.65
C PHE A 426 -24.82 -8.47 -1.46
N ALA A 427 -25.58 -9.31 -0.77
CA ALA A 427 -26.38 -10.30 -1.46
C ALA A 427 -27.85 -9.86 -1.45
N ALA A 428 -28.24 -9.12 -2.48
CA ALA A 428 -29.60 -8.60 -2.59
C ALA A 428 -30.04 -7.82 -1.36
N GLY A 429 -29.17 -6.99 -0.80
CA GLY A 429 -29.51 -6.17 0.35
C GLY A 429 -29.14 -6.74 1.71
N SER A 430 -28.75 -8.00 1.75
CA SER A 430 -28.36 -8.64 3.01
C SER A 430 -26.88 -9.01 2.97
N PRO A 431 -26.25 -9.11 4.15
CA PRO A 431 -24.86 -9.58 4.20
C PRO A 431 -24.77 -11.01 3.71
N LEU A 432 -23.66 -11.35 3.09
CA LEU A 432 -23.44 -12.70 2.58
C LEU A 432 -22.70 -13.53 3.61
N LYS A 433 -23.30 -14.62 4.04
CA LYS A 433 -22.64 -15.51 4.98
C LYS A 433 -21.66 -16.39 4.23
N LEU A 434 -20.42 -16.44 4.71
CA LEU A 434 -19.39 -17.22 4.03
C LEU A 434 -19.45 -18.67 4.44
N GLU A 435 -19.36 -19.54 3.43
CA GLU A 435 -19.30 -20.97 3.59
C GLU A 435 -18.06 -21.51 2.87
N MET A 436 -16.91 -21.37 3.53
CA MET A 436 -15.63 -21.56 2.88
C MET A 436 -15.25 -23.02 2.70
N ARG A 437 -16.02 -23.92 3.29
CA ARG A 437 -15.79 -25.36 3.17
C ARG A 437 -16.80 -25.97 2.21
N ASN A 438 -17.70 -25.15 1.69
CA ASN A 438 -18.74 -25.60 0.79
C ASN A 438 -18.27 -25.52 -0.67
N SER A 439 -18.00 -26.67 -1.25
CA SER A 439 -17.50 -26.77 -2.62
C SER A 439 -18.44 -26.21 -3.67
N GLU A 440 -19.66 -25.87 -3.27
CA GLU A 440 -20.64 -25.33 -4.20
C GLU A 440 -21.09 -23.93 -3.81
N MET A 441 -20.39 -23.33 -2.84
CA MET A 441 -20.63 -21.93 -2.51
C MET A 441 -19.34 -21.14 -2.59
N HIS A 442 -18.53 -21.20 -1.54
CA HIS A 442 -17.33 -20.36 -1.46
C HIS A 442 -16.05 -21.15 -1.28
N GLY A 443 -16.14 -22.48 -1.38
CA GLY A 443 -15.02 -23.35 -1.14
C GLY A 443 -14.28 -23.78 -2.41
N TYR A 444 -13.22 -24.55 -2.19
CA TYR A 444 -12.37 -25.08 -3.26
C TYR A 444 -13.11 -26.10 -4.11
N ASN A 445 -13.11 -25.89 -5.41
CA ASN A 445 -13.75 -26.82 -6.36
C ASN A 445 -13.35 -26.50 -7.79
N PRO A 446 -12.19 -27.00 -8.22
CA PRO A 446 -11.64 -26.75 -9.55
C PRO A 446 -12.61 -27.10 -10.68
N SER A 447 -13.40 -28.16 -10.51
CA SER A 447 -14.27 -28.61 -11.59
C SER A 447 -15.39 -27.61 -11.86
N LEU A 448 -15.71 -26.80 -10.85
CA LEU A 448 -16.76 -25.81 -10.95
C LEU A 448 -16.19 -24.41 -11.14
N PHE A 449 -15.14 -24.09 -10.39
CA PHE A 449 -14.62 -22.73 -10.36
C PHE A 449 -13.30 -22.55 -11.10
N ASN A 450 -12.78 -23.62 -11.70
CA ASN A 450 -11.52 -23.59 -12.44
C ASN A 450 -10.36 -23.12 -11.56
N ARG A 451 -9.73 -22.01 -11.92
CA ARG A 451 -8.55 -21.54 -11.18
C ARG A 451 -8.90 -20.88 -9.84
N ASP A 452 -10.15 -20.49 -9.68
CA ASP A 452 -10.51 -19.52 -8.66
C ASP A 452 -10.89 -20.13 -7.31
N HIS A 453 -10.23 -19.67 -6.25
CA HIS A 453 -10.52 -20.09 -4.88
C HIS A 453 -9.66 -19.30 -3.91
N SER A 454 -10.11 -19.21 -2.66
CA SER A 454 -9.23 -18.68 -1.63
C SER A 454 -8.13 -19.69 -1.34
N VAL A 455 -6.89 -19.24 -1.40
CA VAL A 455 -5.75 -20.09 -1.13
C VAL A 455 -5.67 -20.45 0.35
N THR A 456 -6.14 -19.55 1.20
CA THR A 456 -5.92 -19.66 2.63
C THR A 456 -7.17 -19.94 3.45
N GLY A 457 -8.34 -19.81 2.85
CA GLY A 457 -9.59 -19.97 3.58
C GLY A 457 -10.10 -18.68 4.19
N PHE A 458 -9.36 -17.60 3.99
CA PHE A 458 -9.79 -16.27 4.42
C PHE A 458 -10.03 -15.37 3.20
N LEU A 459 -10.67 -14.23 3.43
CA LEU A 459 -10.89 -13.22 2.41
C LEU A 459 -10.72 -11.83 3.02
N THR A 460 -10.60 -10.83 2.16
CA THR A 460 -10.63 -9.45 2.64
C THR A 460 -11.77 -8.69 1.99
N GLN A 461 -12.32 -7.74 2.74
CA GLN A 461 -13.31 -6.84 2.19
C GLN A 461 -12.87 -5.39 2.35
N LYS A 462 -11.57 -5.16 2.51
CA LYS A 462 -11.08 -3.78 2.52
C LYS A 462 -11.36 -3.13 1.16
N PHE A 463 -11.74 -1.86 1.22
CA PHE A 463 -12.10 -1.02 0.07
C PHE A 463 -13.48 -1.36 -0.51
N VAL A 464 -14.13 -2.39 0.00
CA VAL A 464 -15.45 -2.76 -0.50
C VAL A 464 -16.51 -1.81 0.07
N ASP A 465 -17.09 -0.98 -0.78
CA ASP A 465 -18.14 -0.01 -0.38
C ASP A 465 -19.29 -0.72 0.34
N PRO A 466 -19.64 -0.25 1.55
CA PRO A 466 -20.72 -0.90 2.31
C PRO A 466 -22.06 -1.01 1.56
N VAL A 467 -22.26 -0.17 0.55
CA VAL A 467 -23.50 -0.13 -0.24
C VAL A 467 -23.46 -1.15 -1.38
N THR A 468 -22.32 -1.80 -1.56
CA THR A 468 -22.19 -2.78 -2.64
C THR A 468 -23.32 -3.79 -2.53
N GLU A 469 -23.97 -4.04 -3.66
CA GLU A 469 -25.15 -4.90 -3.70
C GLU A 469 -25.31 -5.55 -5.06
N PHE A 470 -25.49 -6.86 -5.05
CA PHE A 470 -25.84 -7.58 -6.26
C PHE A 470 -27.34 -7.92 -6.24
N TYR A 471 -27.98 -7.79 -7.40
CA TYR A 471 -29.45 -7.91 -7.52
C TYR A 471 -29.87 -9.23 -8.12
N THR A 472 -30.95 -9.81 -7.61
CA THR A 472 -31.44 -11.09 -8.12
C THR A 472 -31.93 -10.94 -9.55
N ALA A 473 -32.47 -9.78 -9.88
CA ALA A 473 -32.96 -9.52 -11.23
C ALA A 473 -31.84 -9.29 -12.25
N GLY A 474 -30.60 -9.29 -11.77
CA GLY A 474 -29.44 -9.05 -12.62
C GLY A 474 -28.86 -7.68 -12.35
N GLY A 475 -27.60 -7.49 -12.70
CA GLY A 475 -26.95 -6.22 -12.44
C GLY A 475 -26.55 -6.05 -10.98
N SER A 476 -25.91 -4.93 -10.67
CA SER A 476 -25.36 -4.67 -9.37
C SER A 476 -24.91 -3.23 -9.23
N THR A 477 -24.55 -2.85 -8.01
CA THR A 477 -23.94 -1.55 -7.75
C THR A 477 -22.76 -1.70 -6.78
N SER A 478 -21.75 -0.87 -6.98
CA SER A 478 -20.63 -0.84 -6.06
C SER A 478 -20.60 0.52 -5.38
N GLY A 479 -21.75 1.18 -5.35
CA GLY A 479 -21.87 2.51 -4.78
C GLY A 479 -21.02 3.53 -5.51
N THR A 480 -20.71 4.62 -4.84
CA THR A 480 -19.88 5.60 -5.53
C THR A 480 -18.41 5.22 -5.43
N SER A 481 -17.69 5.55 -6.49
CA SER A 481 -16.27 5.20 -6.57
C SER A 481 -15.45 6.09 -5.63
N ALA A 482 -14.31 5.60 -5.18
CA ALA A 482 -13.46 6.31 -4.24
C ALA A 482 -12.04 6.41 -4.81
N PRO A 483 -11.30 7.46 -4.43
CA PRO A 483 -9.94 7.60 -4.99
C PRO A 483 -9.07 6.41 -4.58
N THR A 484 -8.09 6.06 -5.38
CA THR A 484 -7.10 5.10 -4.92
C THR A 484 -6.04 5.86 -4.15
N ILE A 485 -5.82 5.49 -2.90
CA ILE A 485 -4.95 6.29 -2.03
C ILE A 485 -3.47 6.11 -2.35
N LEU A 486 -2.76 7.22 -2.54
CA LEU A 486 -1.29 7.18 -2.60
C LEU A 486 -0.71 7.62 -1.26
N PHE A 487 -1.21 8.74 -0.75
CA PHE A 487 -0.81 9.24 0.56
C PHE A 487 -2.05 9.65 1.39
N ARG A 488 -2.13 9.17 2.63
CA ARG A 488 -3.12 9.69 3.54
C ARG A 488 -2.50 9.98 4.92
N LEU A 489 -3.23 10.71 5.74
CA LEU A 489 -2.67 11.33 6.93
C LEU A 489 -2.23 10.30 7.98
N ALA A 490 -2.95 9.19 8.10
CA ALA A 490 -2.55 8.16 9.08
C ALA A 490 -1.09 7.76 8.88
N GLU A 491 -0.65 7.69 7.63
CA GLU A 491 0.75 7.37 7.33
C GLU A 491 1.71 8.40 7.93
N LEU A 492 1.32 9.67 7.93
CA LEU A 492 2.25 10.68 8.44
C LEU A 492 2.46 10.51 9.95
N TYR A 493 1.42 10.11 10.68
CA TYR A 493 1.57 9.79 12.09
C TYR A 493 2.54 8.61 12.26
N LEU A 494 2.34 7.56 11.47
CA LEU A 494 3.16 6.35 11.58
C LEU A 494 4.62 6.63 11.26
N ASN A 495 4.85 7.47 10.25
CA ASN A 495 6.20 7.86 9.88
C ASN A 495 6.91 8.56 11.03
N VAL A 496 6.24 9.56 11.62
CA VAL A 496 6.82 10.29 12.73
C VAL A 496 7.10 9.32 13.88
N ALA A 497 6.17 8.39 14.08
CA ALA A 497 6.34 7.42 15.14
C ALA A 497 7.60 6.59 14.91
N GLU A 498 7.86 6.20 13.66
CA GLU A 498 8.98 5.33 13.35
C GLU A 498 10.32 6.05 13.57
N CYS A 499 10.37 7.33 13.24
CA CYS A 499 11.56 8.15 13.47
C CYS A 499 11.83 8.37 14.96
N HIS A 500 10.79 8.63 15.72
CA HIS A 500 10.97 8.77 17.16
C HIS A 500 11.49 7.47 17.76
N ALA A 501 10.93 6.34 17.33
CA ALA A 501 11.39 5.05 17.85
C ALA A 501 12.89 4.82 17.55
N ALA A 502 13.31 5.11 16.33
CA ALA A 502 14.71 4.91 15.93
C ALA A 502 15.64 5.77 16.76
N LEU A 503 15.15 6.94 17.15
CA LEU A 503 15.95 7.88 17.91
C LEU A 503 15.86 7.67 19.42
N GLY A 504 15.03 6.72 19.87
CA GLY A 504 14.88 6.45 21.29
C GLY A 504 13.87 7.32 22.04
N ASN A 505 13.13 8.14 21.31
CA ASN A 505 12.10 9.01 21.88
C ASN A 505 10.81 8.25 22.11
N THR A 506 10.79 7.37 23.10
CA THR A 506 9.72 6.39 23.28
C THR A 506 8.34 7.03 23.50
N GLN A 507 8.26 8.00 24.40
CA GLN A 507 6.98 8.65 24.67
C GLN A 507 6.46 9.34 23.43
N GLU A 508 7.37 9.95 22.67
CA GLU A 508 6.95 10.71 21.49
C GLU A 508 6.54 9.76 20.37
N ALA A 509 7.17 8.59 20.29
CA ALA A 509 6.72 7.57 19.35
C ALA A 509 5.29 7.15 19.70
N ILE A 510 5.03 6.91 20.98
CA ILE A 510 3.71 6.53 21.49
C ILE A 510 2.66 7.61 21.19
N ASP A 511 3.05 8.87 21.42
CA ASP A 511 2.21 10.04 21.12
C ASP A 511 1.83 10.10 19.63
N ALA A 512 2.71 9.65 18.74
CA ALA A 512 2.43 9.66 17.31
C ALA A 512 1.50 8.50 16.88
N LEU A 513 1.68 7.34 17.49
CA LEU A 513 0.85 6.19 17.20
C LEU A 513 -0.58 6.35 17.72
N ASN A 514 -0.73 6.96 18.89
CA ASN A 514 -2.02 6.96 19.58
C ASN A 514 -3.21 7.58 18.85
N PRO A 515 -3.00 8.62 18.02
CA PRO A 515 -4.20 9.10 17.30
C PRO A 515 -4.74 8.09 16.30
N VAL A 516 -3.87 7.31 15.70
CA VAL A 516 -4.27 6.25 14.78
C VAL A 516 -4.97 5.13 15.55
N ARG A 517 -4.42 4.76 16.71
CA ARG A 517 -5.02 3.70 17.53
C ARG A 517 -6.39 4.08 18.06
N GLU A 518 -6.49 5.32 18.55
CA GLU A 518 -7.74 5.79 19.11
C GLU A 518 -8.84 5.88 18.04
N ARG A 519 -8.47 6.33 16.85
CA ARG A 519 -9.44 6.42 15.75
C ARG A 519 -9.94 5.03 15.37
N ALA A 520 -9.08 4.03 15.50
CA ALA A 520 -9.44 2.66 15.14
C ALA A 520 -10.22 1.95 16.26
N GLY A 521 -10.40 2.61 17.40
CA GLY A 521 -11.17 2.06 18.50
C GLY A 521 -10.49 1.01 19.35
N ILE A 522 -9.16 1.10 19.46
CA ILE A 522 -8.40 0.27 20.39
C ILE A 522 -7.70 1.15 21.44
N PRO A 523 -7.26 0.57 22.57
CA PRO A 523 -6.66 1.39 23.61
C PRO A 523 -5.37 2.06 23.20
N LYS A 524 -5.09 3.21 23.81
CA LYS A 524 -3.84 3.89 23.59
C LYS A 524 -2.73 3.12 24.27
N LEU A 525 -1.51 3.28 23.76
CA LEU A 525 -0.32 2.74 24.41
C LEU A 525 0.15 3.71 25.51
N THR A 526 0.77 3.17 26.55
CA THR A 526 1.55 3.97 27.49
C THR A 526 2.96 3.38 27.60
N LEU A 527 3.83 4.02 28.38
CA LEU A 527 5.18 3.51 28.57
C LEU A 527 5.14 2.06 29.10
N ALA A 528 4.09 1.71 29.85
CA ALA A 528 3.96 0.37 30.42
C ALA A 528 3.86 -0.71 29.36
N ASP A 529 3.43 -0.33 28.16
CA ASP A 529 3.29 -1.29 27.08
C ASP A 529 4.60 -1.57 26.37
N ILE A 530 5.63 -0.82 26.69
CA ILE A 530 6.92 -1.00 26.05
C ILE A 530 7.81 -1.90 26.89
N THR A 531 8.07 -3.11 26.38
CA THR A 531 8.79 -4.14 27.15
C THR A 531 9.73 -4.96 26.27
N ASN A 532 10.40 -5.92 26.90
CA ASN A 532 11.22 -6.87 26.20
C ASN A 532 10.40 -7.91 25.43
N ASN A 533 9.08 -7.88 25.59
CA ASN A 533 8.20 -8.76 24.84
C ASN A 533 7.48 -8.03 23.72
N MET A 534 7.55 -6.70 23.75
CA MET A 534 6.95 -5.90 22.69
C MET A 534 7.60 -4.52 22.72
N THR A 535 8.59 -4.34 21.86
CA THR A 535 9.39 -3.12 21.84
C THR A 535 8.66 -1.97 21.15
N ILE A 536 9.20 -0.77 21.27
CA ILE A 536 8.56 0.36 20.61
C ILE A 536 8.60 0.14 19.09
N LYS A 537 9.64 -0.52 18.60
CA LYS A 537 9.76 -0.76 17.17
C LYS A 537 8.75 -1.82 16.72
N ASP A 538 8.52 -2.82 17.57
CA ASP A 538 7.46 -3.80 17.34
C ASP A 538 6.10 -3.11 17.15
N TRP A 539 5.78 -2.20 18.07
CA TRP A 539 4.49 -1.50 18.03
C TRP A 539 4.31 -0.67 16.76
N VAL A 540 5.33 0.11 16.40
CA VAL A 540 5.25 0.96 15.21
C VAL A 540 5.07 0.12 13.96
N HIS A 541 5.92 -0.89 13.80
CA HIS A 541 5.89 -1.72 12.60
C HIS A 541 4.57 -2.47 12.49
N ASN A 542 4.04 -2.95 13.61
CA ASN A 542 2.77 -3.67 13.54
C ASN A 542 1.60 -2.71 13.31
N GLU A 543 1.66 -1.52 13.90
CA GLU A 543 0.62 -0.53 13.65
C GLU A 543 0.57 -0.21 12.15
N ARG A 544 1.75 -0.11 11.54
CA ARG A 544 1.86 0.18 10.12
C ARG A 544 1.31 -0.96 9.28
N PHE A 545 1.65 -2.20 9.67
CA PHE A 545 1.15 -3.40 9.01
C PHE A 545 -0.38 -3.43 8.96
N VAL A 546 -0.98 -3.10 10.10
CA VAL A 546 -2.44 -3.10 10.23
C VAL A 546 -3.09 -1.93 9.47
N GLU A 547 -2.75 -0.70 9.86
CA GLU A 547 -3.43 0.48 9.35
C GLU A 547 -3.33 0.60 7.84
N LEU A 548 -2.17 0.29 7.27
CA LEU A 548 -1.92 0.48 5.84
C LEU A 548 -1.98 -0.84 5.07
N TRP A 549 -2.65 -1.83 5.65
CA TRP A 549 -2.77 -3.16 5.03
C TRP A 549 -3.37 -3.06 3.61
N ASN A 550 -2.70 -3.67 2.64
CA ASN A 550 -3.15 -3.70 1.24
C ASN A 550 -3.19 -2.31 0.63
N GLU A 551 -2.30 -1.43 1.07
CA GLU A 551 -2.17 -0.10 0.48
C GLU A 551 -0.81 0.08 -0.21
N GLY A 552 -0.16 -1.04 -0.51
CA GLY A 552 1.09 -1.04 -1.24
C GLY A 552 2.32 -0.59 -0.46
N HIS A 553 2.29 -0.82 0.86
CA HIS A 553 3.41 -0.45 1.74
C HIS A 553 4.29 -1.62 2.17
N ARG A 554 3.67 -2.76 2.47
CA ARG A 554 4.40 -3.90 3.01
C ARG A 554 5.56 -4.31 2.10
N PHE A 555 5.35 -4.27 0.79
CA PHE A 555 6.39 -4.55 -0.21
C PHE A 555 7.67 -3.76 0.07
N PHE A 556 7.51 -2.46 0.23
CA PHE A 556 8.63 -1.56 0.47
C PHE A 556 9.12 -1.59 1.90
N ASP A 557 8.23 -1.82 2.85
CA ASP A 557 8.61 -1.70 4.24
C ASP A 557 9.48 -2.87 4.67
N VAL A 558 9.09 -4.09 4.28
CA VAL A 558 9.88 -5.27 4.59
C VAL A 558 11.24 -5.18 3.91
N ARG A 559 11.27 -4.64 2.69
CA ARG A 559 12.55 -4.48 2.01
C ARG A 559 13.44 -3.46 2.70
N ARG A 560 12.90 -2.28 3.02
CA ARG A 560 13.74 -1.24 3.61
C ARG A 560 14.19 -1.63 5.01
N TRP A 561 13.44 -2.50 5.67
CA TRP A 561 13.80 -2.98 7.00
C TRP A 561 14.79 -4.14 6.89
N ALA A 562 15.08 -4.54 5.65
CA ALA A 562 16.02 -5.61 5.35
C ALA A 562 15.60 -6.93 5.99
N GLU A 563 14.31 -7.22 5.94
CA GLU A 563 13.76 -8.43 6.52
C GLU A 563 13.08 -9.33 5.48
N GLY A 564 13.58 -9.28 4.25
CA GLY A 564 13.03 -10.10 3.18
C GLY A 564 12.98 -11.58 3.53
N ALA A 565 14.08 -12.11 4.09
CA ALA A 565 14.16 -13.53 4.42
C ALA A 565 13.17 -13.89 5.52
N LYS A 566 13.05 -13.01 6.49
CA LYS A 566 12.21 -13.24 7.65
C LYS A 566 10.72 -13.32 7.30
N TYR A 567 10.25 -12.44 6.44
CA TYR A 567 8.81 -12.42 6.16
C TYR A 567 8.40 -12.96 4.79
N PHE A 568 9.29 -12.87 3.79
CA PHE A 568 8.94 -13.24 2.41
C PHE A 568 9.58 -14.55 1.95
N GLY A 569 10.34 -15.20 2.82
CA GLY A 569 11.07 -16.40 2.45
C GLY A 569 10.21 -17.66 2.26
N ALA A 570 10.87 -18.74 1.87
CA ALA A 570 10.17 -19.99 1.63
C ALA A 570 9.46 -20.45 2.88
N ASN A 571 8.25 -20.95 2.70
CA ASN A 571 7.44 -21.57 3.75
C ASN A 571 6.90 -20.60 4.79
N LYS A 572 7.23 -19.31 4.69
CA LYS A 572 6.73 -18.32 5.66
C LYS A 572 5.22 -18.11 5.55
N ARG A 573 4.72 -18.17 4.32
CA ARG A 573 3.32 -17.91 4.08
C ARG A 573 2.47 -19.14 4.46
N GLU A 574 1.46 -18.90 5.29
CA GLU A 574 0.58 -19.96 5.76
C GLU A 574 -0.89 -19.57 5.66
N GLY A 575 -1.74 -20.59 5.68
CA GLY A 575 -3.17 -20.39 5.75
C GLY A 575 -3.84 -21.63 6.28
N LEU A 576 -5.15 -21.74 6.10
CA LEU A 576 -5.86 -22.94 6.48
C LEU A 576 -5.73 -24.01 5.38
N ASN A 577 -6.32 -25.15 5.62
CA ASN A 577 -6.26 -26.27 4.68
C ASN A 577 -7.31 -26.07 3.57
N ALA A 578 -7.09 -25.04 2.75
CA ALA A 578 -8.12 -24.53 1.87
C ALA A 578 -8.05 -25.02 0.43
N GLU A 579 -7.11 -25.91 0.14
CA GLU A 579 -7.01 -26.40 -1.22
C GLU A 579 -7.32 -27.91 -1.29
N VAL A 580 -8.33 -28.31 -0.53
CA VAL A 580 -8.88 -29.66 -0.62
C VAL A 580 -10.40 -29.54 -0.70
N GLN A 581 -11.03 -30.41 -1.46
CA GLN A 581 -12.45 -30.22 -1.73
C GLN A 581 -13.33 -30.77 -0.62
N SER A 582 -14.32 -29.98 -0.22
CA SER A 582 -15.32 -30.36 0.79
C SER A 582 -14.74 -30.91 2.10
N PRO A 583 -13.88 -30.13 2.77
CA PRO A 583 -13.32 -30.58 4.04
C PRO A 583 -14.33 -30.49 5.19
N THR A 584 -14.18 -31.36 6.17
CA THR A 584 -14.84 -31.21 7.44
C THR A 584 -14.28 -29.99 8.16
N PHE A 585 -14.96 -29.55 9.21
CA PHE A 585 -14.47 -28.41 10.00
C PHE A 585 -13.07 -28.68 10.52
N GLU A 586 -12.87 -29.90 10.99
CA GLU A 586 -11.60 -30.30 11.58
C GLU A 586 -10.47 -30.36 10.57
N GLU A 587 -10.75 -30.83 9.35
CA GLU A 587 -9.76 -30.89 8.28
C GLU A 587 -9.39 -29.49 7.78
N PHE A 588 -10.40 -28.65 7.66
CA PHE A 588 -10.24 -27.29 7.14
C PHE A 588 -9.32 -26.46 8.05
N ASN A 589 -9.63 -26.47 9.35
CA ASN A 589 -8.97 -25.55 10.26
C ASN A 589 -7.67 -26.11 10.85
N LYS A 590 -6.66 -26.23 9.99
CA LYS A 590 -5.32 -26.67 10.37
C LYS A 590 -4.29 -25.75 9.69
N ARG A 591 -3.30 -25.29 10.44
CA ARG A 591 -2.23 -24.47 9.91
C ARG A 591 -1.55 -25.22 8.77
N THR A 592 -1.53 -24.61 7.58
CA THR A 592 -1.03 -25.24 6.38
C THR A 592 -0.09 -24.31 5.63
N THR A 593 1.09 -24.79 5.27
CA THR A 593 2.03 -23.99 4.49
C THR A 593 1.46 -23.75 3.09
N VAL A 594 1.51 -22.51 2.63
CA VAL A 594 1.07 -22.20 1.28
C VAL A 594 1.98 -22.92 0.28
N ASP A 595 1.36 -23.71 -0.58
CA ASP A 595 2.06 -24.66 -1.43
C ASP A 595 2.36 -24.11 -2.80
N ALA A 596 3.29 -23.15 -2.84
CA ALA A 596 3.80 -22.57 -4.07
C ALA A 596 5.27 -22.23 -3.81
N PRO A 597 6.10 -22.16 -4.86
CA PRO A 597 7.54 -21.99 -4.66
C PRO A 597 8.02 -20.56 -4.32
N TYR A 598 7.38 -19.93 -3.35
CA TYR A 598 7.86 -18.67 -2.79
C TYR A 598 9.27 -18.85 -2.24
N VAL A 599 10.13 -17.86 -2.48
CA VAL A 599 11.48 -17.84 -1.94
C VAL A 599 11.90 -16.41 -1.67
N TRP A 600 12.92 -16.23 -0.82
CA TRP A 600 13.63 -14.96 -0.77
C TRP A 600 15.12 -15.16 -0.99
N GLU A 601 15.66 -14.36 -1.89
CA GLU A 601 17.09 -14.26 -2.10
C GLU A 601 17.42 -12.77 -2.12
N ASN A 602 18.63 -12.40 -1.75
CA ASN A 602 18.91 -10.99 -1.54
C ASN A 602 18.86 -10.14 -2.80
N ARG A 603 18.99 -10.74 -3.97
CA ARG A 603 18.86 -9.96 -5.20
C ARG A 603 17.47 -9.35 -5.33
N MET A 604 16.48 -9.92 -4.65
CA MET A 604 15.09 -9.49 -4.79
C MET A 604 14.76 -8.14 -4.13
N TYR A 605 15.69 -7.56 -3.39
CA TYR A 605 15.48 -6.23 -2.83
C TYR A 605 15.32 -5.19 -3.92
N LEU A 606 15.94 -5.45 -5.07
CA LEU A 606 15.96 -4.50 -6.18
C LEU A 606 15.33 -5.07 -7.44
N ASN A 607 14.67 -4.19 -8.19
CA ASN A 607 14.10 -4.50 -9.50
C ASN A 607 15.23 -4.52 -10.53
N PRO A 608 15.37 -5.61 -11.29
CA PRO A 608 16.38 -5.68 -12.35
C PRO A 608 16.19 -4.63 -13.44
N VAL A 609 17.29 -4.13 -13.98
CA VAL A 609 17.21 -3.21 -15.09
C VAL A 609 16.98 -3.98 -16.40
N PHE A 610 16.05 -3.48 -17.21
CA PHE A 610 15.78 -3.99 -18.55
C PHE A 610 17.08 -4.27 -19.29
N TYR A 611 17.22 -5.49 -19.81
CA TYR A 611 18.39 -5.93 -20.58
C TYR A 611 18.89 -4.86 -21.57
N ASN A 612 17.99 -4.32 -22.37
CA ASN A 612 18.32 -3.33 -23.37
C ASN A 612 18.95 -2.07 -22.81
N GLU A 613 18.48 -1.62 -21.65
CA GLU A 613 19.00 -0.40 -21.03
C GLU A 613 20.42 -0.59 -20.58
N VAL A 614 20.70 -1.76 -20.00
CA VAL A 614 22.05 -2.04 -19.55
C VAL A 614 22.98 -2.09 -20.76
N TYR A 615 22.49 -2.65 -21.85
CA TYR A 615 23.28 -2.74 -23.08
C TYR A 615 23.47 -1.37 -23.74
N LYS A 616 22.42 -0.56 -23.74
CA LYS A 616 22.40 0.71 -24.45
C LYS A 616 23.18 1.81 -23.71
N ASN A 617 23.19 1.75 -22.38
CA ASN A 617 23.87 2.76 -21.59
C ASN A 617 25.16 2.18 -21.01
N PRO A 618 26.30 2.63 -21.55
CA PRO A 618 27.61 2.10 -21.15
C PRO A 618 27.93 2.38 -19.69
N GLN A 619 27.34 3.40 -19.09
CA GLN A 619 27.63 3.76 -17.70
C GLN A 619 26.67 3.10 -16.72
N MET A 620 25.74 2.30 -17.22
CA MET A 620 24.73 1.67 -16.37
C MET A 620 25.21 0.31 -15.84
N VAL A 621 25.05 0.08 -14.54
CA VAL A 621 25.31 -1.25 -14.00
C VAL A 621 24.02 -1.96 -13.61
N GLN A 622 23.97 -3.26 -13.85
CA GLN A 622 22.83 -4.08 -13.48
C GLN A 622 22.75 -4.22 -11.97
N ALA A 623 21.55 -4.46 -11.44
CA ALA A 623 21.40 -4.77 -10.03
C ALA A 623 22.16 -6.04 -9.73
N PRO A 624 22.62 -6.21 -8.49
CA PRO A 624 23.39 -7.40 -8.14
C PRO A 624 22.54 -8.69 -8.23
N GLY A 625 23.11 -9.72 -8.84
CA GLY A 625 22.44 -11.00 -8.98
C GLY A 625 21.58 -11.13 -10.23
N TYR A 626 21.54 -10.10 -11.05
CA TYR A 626 20.76 -10.14 -12.28
C TYR A 626 21.64 -9.94 -13.51
K K B . -7.86 18.04 -1.43
K K C . -11.06 -15.52 21.26
NI NI D . 27.52 -2.72 8.05
NI NI E . 26.73 -1.25 -19.40
NI NI F . -2.42 -15.57 24.19
#